data_3AMG
#
_entry.id   3AMG
#
_cell.length_a   60.979
_cell.length_b   73.356
_cell.length_c   62.192
_cell.angle_alpha   90.00
_cell.angle_beta   97.57
_cell.angle_gamma   90.00
#
_symmetry.space_group_name_H-M   'P 1 21 1'
#
loop_
_entity.id
_entity.type
_entity.pdbx_description
1 polymer Endoglucanase
2 branched beta-D-glucopyranose-(1-4)-beta-D-glucopyranose
3 non-polymer beta-D-glucopyranose
4 water water
#
_entity_poly.entity_id   1
_entity_poly.type   'polypeptide(L)'
_entity_poly.pdbx_seq_one_letter_code
;MGVDPFERNKILGRGINIGNALEAPNEGDWGVVIKDEFFDIIKEAGFSHVRIPIRWSTHAYAFPPYKIMDRFFKRVDEVI
NGALKRGLAVVINIHHYEELMNDPEEHKERFLALWKQIADRYKDYPETLFFEILNAPHGNLTPEKWNELLEEALKVIRSI
DKKHTIIIGTAEWGGISALEKLSVPKWEKNSIVTIHYYNPFEFTHQGAEWVEGSEKWLGRKWGSPDDQKHLIEEFNFIEE
WSKKNKRPIYIGEFGAYRKADLESRIKWTSFVVREMEKRRWSWAYWEFCSGFGVYDTLRKTWNKDLLEALIGGDSIE
;
_entity_poly.pdbx_strand_id   A,B
#
loop_
_chem_comp.id
_chem_comp.type
_chem_comp.name
_chem_comp.formula
BGC D-saccharide, beta linking beta-D-glucopyranose 'C6 H12 O6'
#
# COMPACT_ATOMS: atom_id res chain seq x y z
N GLY A 2 4.48 36.74 9.25
CA GLY A 2 3.42 37.82 9.31
C GLY A 2 2.32 37.69 8.27
N VAL A 3 1.75 36.49 8.16
CA VAL A 3 0.70 36.21 7.19
C VAL A 3 -0.64 36.01 7.89
N ASP A 4 -1.74 36.38 7.23
CA ASP A 4 -3.04 36.13 7.85
C ASP A 4 -3.61 34.90 7.14
N PRO A 5 -3.74 33.79 7.89
CA PRO A 5 -4.28 32.56 7.32
C PRO A 5 -5.68 32.73 6.73
N PHE A 6 -6.55 33.44 7.46
CA PHE A 6 -7.91 33.67 7.02
C PHE A 6 -7.93 34.38 5.67
N GLU A 7 -6.99 35.32 5.49
CA GLU A 7 -6.88 36.06 4.23
C GLU A 7 -6.39 35.12 3.14
N ARG A 8 -5.66 34.10 3.57
CA ARG A 8 -5.11 33.11 2.66
C ARG A 8 -6.21 32.10 2.34
N ASN A 9 -7.10 31.87 3.30
CA ASN A 9 -8.19 30.94 3.09
C ASN A 9 -9.15 31.44 2.02
N LYS A 10 -9.39 32.75 1.99
CA LYS A 10 -10.27 33.29 0.97
C LYS A 10 -9.56 33.26 -0.39
N ILE A 11 -8.23 33.35 -0.41
CA ILE A 11 -7.47 33.30 -1.66
C ILE A 11 -7.78 31.94 -2.28
N LEU A 12 -7.63 30.91 -1.46
CA LEU A 12 -7.89 29.53 -1.85
C LEU A 12 -9.32 29.36 -2.39
N GLY A 13 -10.31 29.85 -1.63
CA GLY A 13 -11.69 29.76 -2.05
C GLY A 13 -12.21 28.43 -2.52
N ARG A 14 -13.07 28.45 -3.54
CA ARG A 14 -13.63 27.22 -4.07
C ARG A 14 -12.67 26.62 -5.09
N GLY A 15 -12.55 25.30 -5.05
CA GLY A 15 -11.69 24.61 -5.97
C GLY A 15 -12.10 23.17 -6.11
N ILE A 16 -11.22 22.36 -6.70
CA ILE A 16 -11.52 20.94 -6.84
C ILE A 16 -10.29 20.08 -6.98
N ASN A 17 -10.51 18.82 -6.59
CA ASN A 17 -9.53 17.76 -6.60
C ASN A 17 -9.42 17.12 -7.94
N ILE A 18 -8.21 16.74 -8.31
CA ILE A 18 -8.01 15.99 -9.53
C ILE A 18 -7.39 14.74 -8.90
N GLY A 19 -8.27 13.83 -8.48
CA GLY A 19 -7.82 12.62 -7.82
C GLY A 19 -7.86 11.40 -8.70
N ASN A 20 -7.51 10.26 -8.14
CA ASN A 20 -7.47 9.04 -8.92
C ASN A 20 -6.40 9.32 -9.97
N ALA A 21 -5.43 10.15 -9.56
CA ALA A 21 -4.33 10.57 -10.39
C ALA A 21 -2.99 10.29 -9.66
N LEU A 22 -2.42 11.31 -9.03
CA LEU A 22 -1.14 11.14 -8.33
C LEU A 22 -1.19 10.36 -7.01
N GLU A 23 -2.38 10.07 -6.49
CA GLU A 23 -2.42 9.31 -5.25
C GLU A 23 -2.64 7.83 -5.52
N ALA A 24 -2.61 7.44 -6.79
CA ALA A 24 -2.76 6.04 -7.19
C ALA A 24 -1.36 5.43 -7.12
N PRO A 25 -1.25 4.09 -7.02
CA PRO A 25 0.09 3.47 -6.95
C PRO A 25 1.06 4.09 -7.95
N ASN A 26 0.56 4.39 -9.13
CA ASN A 26 1.34 5.04 -10.19
C ASN A 26 0.27 5.84 -10.90
N GLU A 27 0.61 7.03 -11.39
CA GLU A 27 -0.39 7.83 -12.07
C GLU A 27 -0.99 7.07 -13.26
N GLY A 28 -2.31 7.01 -13.31
CA GLY A 28 -2.98 6.29 -14.37
C GLY A 28 -3.61 5.05 -13.80
N ASP A 29 -2.87 4.31 -12.97
CA ASP A 29 -3.38 3.09 -12.32
C ASP A 29 -4.88 3.21 -12.08
N TRP A 30 -5.31 4.38 -11.62
CA TRP A 30 -6.71 4.59 -11.30
C TRP A 30 -7.54 5.34 -12.35
N GLY A 31 -7.06 5.35 -13.59
CA GLY A 31 -7.80 5.98 -14.68
C GLY A 31 -7.47 7.38 -15.13
N VAL A 32 -7.24 8.28 -14.18
CA VAL A 32 -6.94 9.65 -14.53
C VAL A 32 -5.45 9.99 -14.59
N VAL A 33 -5.08 10.66 -15.66
CA VAL A 33 -3.71 11.13 -15.85
C VAL A 33 -3.90 12.61 -16.05
N ILE A 34 -3.20 13.39 -15.24
CA ILE A 34 -3.32 14.83 -15.27
C ILE A 34 -2.75 15.51 -16.51
N LYS A 35 -3.66 16.06 -17.33
CA LYS A 35 -3.29 16.77 -18.53
C LYS A 35 -3.14 18.24 -18.22
N ASP A 36 -2.23 18.92 -18.92
CA ASP A 36 -2.02 20.33 -18.68
C ASP A 36 -3.28 21.14 -19.05
N GLU A 37 -4.01 20.67 -20.04
CA GLU A 37 -5.23 21.35 -20.50
C GLU A 37 -6.31 21.40 -19.42
N PHE A 38 -6.32 20.41 -18.54
CA PHE A 38 -7.28 20.34 -17.46
C PHE A 38 -7.36 21.65 -16.70
N PHE A 39 -6.20 22.26 -16.48
CA PHE A 39 -6.13 23.52 -15.76
C PHE A 39 -6.85 24.66 -16.45
N ASP A 40 -7.07 24.50 -17.75
CA ASP A 40 -7.79 25.50 -18.53
C ASP A 40 -9.26 25.35 -18.20
N ILE A 41 -9.78 24.13 -18.35
CA ILE A 41 -11.18 23.85 -18.04
C ILE A 41 -11.47 24.42 -16.64
N ILE A 42 -10.78 23.88 -15.63
CA ILE A 42 -10.93 24.32 -14.24
C ILE A 42 -10.97 25.86 -14.12
N LYS A 43 -9.98 26.54 -14.66
CA LYS A 43 -9.94 28.00 -14.58
C LYS A 43 -11.13 28.65 -15.27
N GLU A 44 -11.24 28.44 -16.59
CA GLU A 44 -12.33 29.03 -17.36
C GLU A 44 -13.63 28.69 -16.67
N ALA A 45 -13.66 27.52 -16.03
CA ALA A 45 -14.83 27.04 -15.30
C ALA A 45 -15.18 27.91 -14.10
N GLY A 46 -14.23 28.73 -13.65
CA GLY A 46 -14.48 29.62 -12.53
C GLY A 46 -14.01 29.19 -11.14
N PHE A 47 -13.10 28.23 -11.08
CA PHE A 47 -12.58 27.73 -9.81
C PHE A 47 -11.38 28.52 -9.35
N SER A 48 -11.24 28.67 -8.04
CA SER A 48 -10.11 29.43 -7.50
C SER A 48 -8.85 28.60 -7.26
N HIS A 49 -9.01 27.29 -7.08
CA HIS A 49 -7.84 26.46 -6.86
C HIS A 49 -8.10 25.02 -7.21
N VAL A 50 -7.04 24.24 -7.16
CA VAL A 50 -7.07 22.83 -7.44
C VAL A 50 -6.33 22.14 -6.30
N ARG A 51 -6.80 20.96 -5.92
CA ARG A 51 -6.16 20.20 -4.87
C ARG A 51 -5.63 18.98 -5.58
N ILE A 52 -4.35 18.71 -5.38
CA ILE A 52 -3.71 17.56 -6.01
C ILE A 52 -3.24 16.54 -5.00
N PRO A 53 -3.99 15.44 -4.81
CA PRO A 53 -3.53 14.44 -3.84
C PRO A 53 -2.30 13.73 -4.42
N ILE A 54 -1.30 13.50 -3.58
CA ILE A 54 -0.07 12.86 -4.06
C ILE A 54 0.41 11.75 -3.17
N ARG A 55 0.67 10.58 -3.76
CA ARG A 55 1.15 9.44 -2.98
C ARG A 55 2.67 9.35 -3.02
N TRP A 56 3.35 10.25 -2.33
CA TRP A 56 4.81 10.28 -2.31
C TRP A 56 5.42 8.99 -1.82
N SER A 57 4.76 8.37 -0.84
CA SER A 57 5.23 7.13 -0.25
C SER A 57 5.64 6.00 -1.20
N THR A 58 5.17 5.97 -2.44
CA THR A 58 5.57 4.90 -3.36
C THR A 58 6.66 5.38 -4.32
N HIS A 59 6.99 6.66 -4.23
CA HIS A 59 7.97 7.26 -5.10
C HIS A 59 9.12 7.83 -4.30
N ALA A 60 9.56 7.07 -3.30
CA ALA A 60 10.65 7.51 -2.45
C ALA A 60 11.25 6.28 -1.79
N TYR A 61 12.57 6.28 -1.67
CA TYR A 61 13.27 5.16 -1.05
C TYR A 61 12.82 4.86 0.36
N ALA A 62 12.80 3.57 0.69
CA ALA A 62 12.39 3.08 2.01
C ALA A 62 13.50 3.00 3.05
N PHE A 63 14.71 3.42 2.67
CA PHE A 63 15.83 3.38 3.61
C PHE A 63 16.39 4.78 3.79
N PRO A 64 16.87 5.10 5.00
CA PRO A 64 17.42 6.45 5.21
C PRO A 64 18.36 6.88 4.09
N PRO A 65 18.32 8.17 3.72
CA PRO A 65 17.47 9.24 4.26
C PRO A 65 16.08 9.34 3.64
N TYR A 66 15.61 8.25 3.03
CA TYR A 66 14.29 8.21 2.41
C TYR A 66 14.17 9.26 1.32
N LYS A 67 15.08 9.24 0.36
CA LYS A 67 15.02 10.24 -0.70
C LYS A 67 13.88 10.03 -1.70
N ILE A 68 13.29 11.14 -2.14
CA ILE A 68 12.20 11.16 -3.10
C ILE A 68 12.78 11.04 -4.49
N MET A 69 12.29 10.09 -5.27
CA MET A 69 12.76 9.86 -6.63
C MET A 69 12.45 11.05 -7.54
N ASP A 70 13.49 11.53 -8.20
CA ASP A 70 13.45 12.69 -9.08
C ASP A 70 12.50 12.76 -10.27
N ARG A 71 12.32 11.66 -11.00
CA ARG A 71 11.41 11.71 -12.14
C ARG A 71 10.02 12.09 -11.64
N PHE A 72 9.63 11.51 -10.51
CA PHE A 72 8.33 11.80 -9.90
C PHE A 72 8.32 13.26 -9.44
N PHE A 73 9.32 13.63 -8.64
CA PHE A 73 9.45 15.00 -8.15
C PHE A 73 9.29 15.95 -9.33
N LYS A 74 9.97 15.63 -10.43
CA LYS A 74 9.92 16.43 -11.64
C LYS A 74 8.49 16.47 -12.17
N ARG A 75 7.76 15.37 -11.98
CA ARG A 75 6.39 15.27 -12.45
C ARG A 75 5.47 16.17 -11.63
N VAL A 76 5.72 16.26 -10.34
CA VAL A 76 4.88 17.13 -9.50
C VAL A 76 5.08 18.58 -9.94
N ASP A 77 6.31 18.93 -10.31
CA ASP A 77 6.61 20.29 -10.75
C ASP A 77 5.76 20.61 -11.97
N GLU A 78 5.71 19.68 -12.93
CA GLU A 78 4.93 19.87 -14.16
C GLU A 78 3.51 20.26 -13.80
N VAL A 79 2.96 19.54 -12.83
CA VAL A 79 1.60 19.76 -12.37
C VAL A 79 1.38 21.03 -11.54
N ILE A 80 2.38 21.44 -10.75
CA ILE A 80 2.23 22.64 -9.95
C ILE A 80 2.17 23.89 -10.83
N ASN A 81 3.28 24.20 -11.50
CA ASN A 81 3.32 25.39 -12.34
C ASN A 81 2.23 25.32 -13.42
N GLY A 82 1.85 24.11 -13.78
CA GLY A 82 0.81 23.92 -14.79
C GLY A 82 -0.53 24.50 -14.35
N ALA A 83 -0.81 24.43 -13.05
CA ALA A 83 -2.04 24.97 -12.49
C ALA A 83 -1.80 26.45 -12.27
N LEU A 84 -0.61 26.78 -11.77
CA LEU A 84 -0.24 28.18 -11.52
C LEU A 84 -0.41 29.02 -12.78
N LYS A 85 -0.17 28.42 -13.95
CA LYS A 85 -0.33 29.14 -15.20
C LYS A 85 -1.74 29.71 -15.29
N ARG A 86 -2.75 28.85 -15.22
CA ARG A 86 -4.12 29.34 -15.33
C ARG A 86 -4.52 30.21 -14.13
N GLY A 87 -3.53 30.68 -13.39
CA GLY A 87 -3.79 31.52 -12.23
C GLY A 87 -4.48 30.83 -11.05
N LEU A 88 -4.54 29.51 -11.09
CA LEU A 88 -5.18 28.75 -10.01
C LEU A 88 -4.22 28.57 -8.84
N ALA A 89 -4.78 28.58 -7.63
CA ALA A 89 -3.99 28.35 -6.42
C ALA A 89 -3.90 26.82 -6.32
N VAL A 90 -2.96 26.30 -5.54
CA VAL A 90 -2.85 24.86 -5.44
C VAL A 90 -2.57 24.28 -4.08
N VAL A 91 -3.12 23.10 -3.85
CA VAL A 91 -2.91 22.39 -2.61
C VAL A 91 -2.29 21.03 -2.92
N ILE A 92 -1.13 20.76 -2.33
CA ILE A 92 -0.51 19.48 -2.54
C ILE A 92 -0.46 18.82 -1.17
N ASN A 93 -0.35 17.49 -1.11
CA ASN A 93 -0.29 16.79 0.16
C ASN A 93 0.37 15.43 0.04
N ILE A 94 0.51 14.75 1.17
CA ILE A 94 0.99 13.38 1.16
C ILE A 94 -0.32 12.58 1.32
N HIS A 95 -0.64 11.79 0.30
CA HIS A 95 -1.87 11.04 0.24
C HIS A 95 -1.66 9.54 0.27
N HIS A 96 -2.58 8.83 0.93
CA HIS A 96 -2.57 7.38 1.02
C HIS A 96 -1.21 6.76 1.37
N TYR A 97 -0.68 7.14 2.53
CA TYR A 97 0.58 6.57 3.02
C TYR A 97 0.09 5.52 4.03
N GLU A 98 -0.50 4.45 3.50
CA GLU A 98 -1.08 3.38 4.31
C GLU A 98 -0.22 2.75 5.40
N GLU A 99 1.07 2.55 5.15
CA GLU A 99 1.94 1.95 6.16
C GLU A 99 2.13 2.87 7.35
N LEU A 100 1.93 4.16 7.12
CA LEU A 100 2.06 5.14 8.17
C LEU A 100 0.82 5.13 9.05
N MET A 101 -0.31 4.78 8.44
CA MET A 101 -1.58 4.72 9.16
C MET A 101 -1.71 3.45 10.01
N ASN A 102 -1.07 2.38 9.56
CA ASN A 102 -1.12 1.11 10.29
C ASN A 102 0.07 0.91 11.21
N ASP A 103 1.12 1.70 11.02
CA ASP A 103 2.31 1.58 11.86
C ASP A 103 3.00 2.94 11.90
N PRO A 104 2.29 3.96 12.43
CA PRO A 104 2.87 5.31 12.50
C PRO A 104 4.32 5.38 12.99
N GLU A 105 4.57 4.99 14.23
CA GLU A 105 5.93 5.02 14.76
C GLU A 105 6.99 4.55 13.78
N GLU A 106 6.76 3.44 13.10
CA GLU A 106 7.74 2.94 12.14
C GLU A 106 7.96 3.88 10.96
N HIS A 107 6.91 4.52 10.47
CA HIS A 107 7.07 5.41 9.32
C HIS A 107 7.18 6.90 9.64
N LYS A 108 6.96 7.23 10.90
CA LYS A 108 7.04 8.62 11.36
C LYS A 108 8.30 9.31 10.83
N GLU A 109 9.44 8.63 10.99
CA GLU A 109 10.71 9.19 10.53
C GLU A 109 10.68 9.52 9.03
N ARG A 110 10.37 8.52 8.20
CA ARG A 110 10.31 8.68 6.76
C ARG A 110 9.39 9.84 6.37
N PHE A 111 8.25 9.91 7.05
CA PHE A 111 7.25 10.96 6.83
C PHE A 111 7.88 12.34 6.99
N LEU A 112 8.44 12.59 8.18
CA LEU A 112 9.10 13.86 8.46
C LEU A 112 10.13 14.17 7.39
N ALA A 113 10.82 13.13 6.94
CA ALA A 113 11.83 13.30 5.91
C ALA A 113 11.19 13.68 4.59
N LEU A 114 10.06 13.06 4.26
CA LEU A 114 9.41 13.39 2.99
C LEU A 114 9.02 14.87 2.94
N TRP A 115 8.55 15.42 4.05
CA TRP A 115 8.16 16.83 4.07
C TRP A 115 9.36 17.77 3.99
N LYS A 116 10.45 17.42 4.67
CA LYS A 116 11.66 18.22 4.64
C LYS A 116 12.02 18.44 3.17
N GLN A 117 12.01 17.34 2.40
CA GLN A 117 12.33 17.42 0.98
C GLN A 117 11.31 18.26 0.20
N ILE A 118 10.03 17.98 0.42
CA ILE A 118 8.96 18.69 -0.27
C ILE A 118 8.96 20.18 0.03
N ALA A 119 8.96 20.52 1.32
CA ALA A 119 9.00 21.92 1.74
C ALA A 119 10.14 22.64 1.04
N ASP A 120 11.35 22.06 1.08
CA ASP A 120 12.51 22.68 0.43
C ASP A 120 12.31 22.83 -1.06
N ARG A 121 11.97 21.74 -1.72
CA ARG A 121 11.76 21.76 -3.16
C ARG A 121 10.82 22.89 -3.60
N TYR A 122 9.90 23.28 -2.74
CA TYR A 122 8.93 24.32 -3.09
C TYR A 122 8.86 25.51 -2.13
N LYS A 123 9.82 25.65 -1.24
CA LYS A 123 9.80 26.73 -0.26
C LYS A 123 9.78 28.17 -0.79
N ASP A 124 10.05 28.36 -2.07
CA ASP A 124 10.06 29.70 -2.62
C ASP A 124 9.08 29.89 -3.76
N TYR A 125 8.11 28.99 -3.85
CA TYR A 125 7.08 29.03 -4.89
C TYR A 125 6.02 30.08 -4.54
N PRO A 126 5.16 30.46 -5.50
CA PRO A 126 4.10 31.46 -5.27
C PRO A 126 3.35 31.15 -3.98
N GLU A 127 3.01 32.16 -3.19
CA GLU A 127 2.31 31.92 -1.94
C GLU A 127 0.88 31.41 -2.12
N THR A 128 0.52 31.08 -3.35
CA THR A 128 -0.79 30.56 -3.65
C THR A 128 -0.77 29.03 -3.70
N LEU A 129 0.33 28.47 -3.21
CA LEU A 129 0.56 27.03 -3.15
C LEU A 129 0.51 26.69 -1.65
N PHE A 130 -0.35 25.74 -1.26
CA PHE A 130 -0.51 25.33 0.15
C PHE A 130 -0.02 23.91 0.44
N PHE A 131 0.45 23.68 1.65
CA PHE A 131 0.95 22.38 2.05
C PHE A 131 0.02 21.64 2.99
N GLU A 132 -0.58 20.55 2.51
CA GLU A 132 -1.47 19.75 3.38
C GLU A 132 -0.69 18.60 3.99
N ILE A 133 -0.46 18.70 5.28
CA ILE A 133 0.30 17.71 6.03
C ILE A 133 0.02 16.28 5.61
N LEU A 134 -1.15 15.77 5.96
CA LEU A 134 -1.47 14.39 5.61
C LEU A 134 -2.96 14.18 5.48
N ASN A 135 -3.35 13.57 4.37
CA ASN A 135 -4.75 13.26 4.08
C ASN A 135 -5.39 12.20 4.97
N ALA A 136 -6.55 12.53 5.54
CA ALA A 136 -7.35 11.66 6.41
C ALA A 136 -6.67 10.64 7.29
N PRO A 137 -5.91 11.08 8.30
CA PRO A 137 -5.25 10.12 9.20
C PRO A 137 -6.31 9.15 9.77
N HIS A 138 -5.94 7.88 9.91
CA HIS A 138 -6.87 6.90 10.44
C HIS A 138 -6.15 5.68 10.98
N GLY A 139 -6.93 4.69 11.36
CA GLY A 139 -6.35 3.46 11.89
C GLY A 139 -5.58 3.68 13.19
N ASN A 140 -4.37 3.17 13.20
CA ASN A 140 -3.53 3.27 14.37
C ASN A 140 -2.90 4.62 14.52
N LEU A 141 -3.13 5.50 13.54
CA LEU A 141 -2.62 6.85 13.61
C LEU A 141 -3.79 7.59 14.23
N THR A 142 -4.05 7.23 15.48
CA THR A 142 -5.14 7.76 16.29
C THR A 142 -5.07 9.27 16.46
N PRO A 143 -6.18 9.85 16.94
CA PRO A 143 -6.28 11.28 17.19
C PRO A 143 -5.14 11.79 18.07
N GLU A 144 -5.01 11.24 19.27
CA GLU A 144 -3.95 11.71 20.15
C GLU A 144 -2.58 11.54 19.50
N LYS A 145 -2.40 10.49 18.72
CA LYS A 145 -1.11 10.30 18.07
C LYS A 145 -0.93 11.27 16.89
N TRP A 146 -2.03 11.59 16.23
CA TRP A 146 -2.00 12.50 15.09
C TRP A 146 -1.50 13.86 15.55
N ASN A 147 -1.96 14.29 16.73
CA ASN A 147 -1.56 15.58 17.29
C ASN A 147 -0.05 15.71 17.43
N GLU A 148 0.59 14.62 17.84
CA GLU A 148 2.03 14.60 18.03
C GLU A 148 2.75 14.65 16.67
N LEU A 149 2.29 13.85 15.72
CA LEU A 149 2.89 13.79 14.40
C LEU A 149 2.70 15.10 13.61
N LEU A 150 1.51 15.70 13.66
CA LEU A 150 1.27 16.94 12.92
C LEU A 150 2.18 18.06 13.43
N GLU A 151 2.34 18.15 14.75
CA GLU A 151 3.21 19.18 15.33
C GLU A 151 4.65 19.06 14.83
N GLU A 152 5.16 17.84 14.75
CA GLU A 152 6.52 17.60 14.28
C GLU A 152 6.69 17.85 12.79
N ALA A 153 5.60 17.77 12.03
CA ALA A 153 5.65 18.03 10.61
C ALA A 153 5.73 19.54 10.48
N LEU A 154 5.04 20.24 11.37
CA LEU A 154 5.06 21.69 11.37
C LEU A 154 6.48 22.16 11.65
N LYS A 155 7.12 21.57 12.65
CA LYS A 155 8.50 21.94 12.97
C LYS A 155 9.43 21.65 11.80
N VAL A 156 9.14 20.59 11.07
CA VAL A 156 9.95 20.23 9.90
C VAL A 156 9.71 21.26 8.78
N ILE A 157 8.46 21.68 8.62
CA ILE A 157 8.15 22.62 7.56
C ILE A 157 8.63 24.02 7.85
N ARG A 158 8.17 24.62 8.95
CA ARG A 158 8.56 25.98 9.25
C ARG A 158 10.08 26.21 9.20
N SER A 159 10.87 25.28 9.74
CA SER A 159 12.31 25.47 9.71
C SER A 159 12.80 25.74 8.29
N ILE A 160 12.07 25.22 7.31
CA ILE A 160 12.44 25.42 5.91
C ILE A 160 11.78 26.68 5.36
N ASP A 161 10.54 26.93 5.77
CA ASP A 161 9.83 28.10 5.28
C ASP A 161 8.65 28.52 6.16
N LYS A 162 8.54 29.83 6.38
CA LYS A 162 7.47 30.41 7.20
C LYS A 162 6.69 31.34 6.30
N LYS A 163 6.52 30.90 5.05
CA LYS A 163 5.82 31.67 4.06
C LYS A 163 4.54 31.03 3.55
N HIS A 164 4.51 29.70 3.43
CA HIS A 164 3.33 28.98 2.94
C HIS A 164 2.32 28.54 4.00
N THR A 165 1.03 28.70 3.69
CA THR A 165 0.02 28.28 4.66
C THR A 165 -0.03 26.76 4.66
N ILE A 166 -0.16 26.20 5.86
CA ILE A 166 -0.21 24.76 6.03
C ILE A 166 -1.63 24.28 6.34
N ILE A 167 -2.03 23.17 5.74
CA ILE A 167 -3.36 22.60 5.96
C ILE A 167 -3.27 21.42 6.91
N ILE A 168 -3.99 21.48 8.02
CA ILE A 168 -3.96 20.40 9.01
C ILE A 168 -5.30 19.67 9.09
N GLY A 169 -5.32 18.39 8.76
CA GLY A 169 -6.57 17.65 8.83
C GLY A 169 -6.94 17.15 10.21
N THR A 170 -7.83 16.18 10.26
CA THR A 170 -8.31 15.58 11.50
C THR A 170 -8.08 14.09 11.40
N ALA A 171 -8.19 13.38 12.51
CA ALA A 171 -7.97 11.94 12.53
C ALA A 171 -9.28 11.16 12.30
N GLU A 172 -9.20 9.83 12.42
CA GLU A 172 -10.37 8.98 12.20
C GLU A 172 -11.00 9.23 10.84
N TRP A 173 -10.16 9.23 9.80
CA TRP A 173 -10.58 9.43 8.43
C TRP A 173 -10.92 10.85 8.00
N GLY A 174 -10.45 11.84 8.74
CA GLY A 174 -10.67 13.23 8.38
C GLY A 174 -12.04 13.89 8.45
N GLY A 175 -13.03 13.26 9.06
CA GLY A 175 -14.34 13.87 9.17
C GLY A 175 -14.47 14.70 10.43
N ILE A 176 -15.65 14.73 11.04
CA ILE A 176 -15.84 15.51 12.26
C ILE A 176 -15.70 14.70 13.56
N SER A 177 -15.70 13.37 13.44
CA SER A 177 -15.58 12.48 14.59
C SER A 177 -14.43 12.82 15.54
N ALA A 178 -13.27 13.13 14.98
CA ALA A 178 -12.09 13.43 15.78
C ALA A 178 -11.75 14.91 15.82
N LEU A 179 -12.66 15.74 15.33
CA LEU A 179 -12.41 17.17 15.31
C LEU A 179 -12.10 17.70 16.69
N GLU A 180 -13.07 17.57 17.60
CA GLU A 180 -12.89 18.05 18.97
C GLU A 180 -11.48 17.77 19.47
N LYS A 181 -11.09 16.50 19.37
CA LYS A 181 -9.78 16.05 19.83
C LYS A 181 -8.57 16.65 19.10
N LEU A 182 -8.80 17.56 18.14
CA LEU A 182 -7.70 18.16 17.40
C LEU A 182 -6.96 19.24 18.16
N SER A 183 -5.63 19.19 18.07
CA SER A 183 -4.76 20.14 18.75
C SER A 183 -3.64 20.68 17.89
N VAL A 184 -3.79 21.93 17.45
CA VAL A 184 -2.78 22.58 16.64
C VAL A 184 -1.98 23.45 17.61
N PRO A 185 -0.65 23.30 17.58
CA PRO A 185 0.22 24.07 18.48
C PRO A 185 -0.13 25.54 18.53
N LYS A 186 0.06 26.13 19.71
CA LYS A 186 -0.20 27.55 19.93
C LYS A 186 0.75 28.42 19.09
N TRP A 187 1.98 27.95 18.88
CA TRP A 187 2.97 28.70 18.13
C TRP A 187 2.76 28.77 16.62
N GLU A 188 1.95 27.89 16.05
CA GLU A 188 1.68 27.95 14.61
C GLU A 188 0.63 29.03 14.35
N LYS A 189 0.97 30.03 13.54
CA LYS A 189 0.05 31.13 13.22
C LYS A 189 -0.35 31.31 11.76
N ASN A 190 -0.09 30.30 10.93
CA ASN A 190 -0.43 30.39 9.50
C ASN A 190 -0.90 29.02 8.99
N SER A 191 -1.91 28.48 9.64
CA SER A 191 -2.48 27.20 9.26
C SER A 191 -3.99 27.23 9.12
N ILE A 192 -4.48 26.32 8.28
CA ILE A 192 -5.91 26.16 8.03
C ILE A 192 -6.31 24.72 8.34
N VAL A 193 -7.49 24.55 8.92
CA VAL A 193 -7.95 23.23 9.26
C VAL A 193 -8.90 22.68 8.22
N THR A 194 -8.61 21.48 7.75
CA THR A 194 -9.42 20.88 6.72
C THR A 194 -10.24 19.71 7.20
N ILE A 195 -11.46 19.61 6.69
CA ILE A 195 -12.32 18.51 7.05
C ILE A 195 -12.86 17.88 5.78
N HIS A 196 -13.00 16.57 5.77
CA HIS A 196 -13.58 15.90 4.62
C HIS A 196 -15.05 15.78 5.01
N TYR A 197 -15.96 16.28 4.18
CA TYR A 197 -17.36 16.15 4.51
C TYR A 197 -18.07 15.27 3.50
N TYR A 198 -18.41 14.07 3.97
CA TYR A 198 -19.10 13.07 3.16
C TYR A 198 -20.26 12.56 4.00
N ASN A 199 -20.31 13.03 5.25
CA ASN A 199 -21.28 12.66 6.27
C ASN A 199 -22.39 11.69 5.90
N PRO A 200 -23.27 12.07 4.95
CA PRO A 200 -24.29 11.06 4.65
C PRO A 200 -23.53 9.94 3.93
N PHE A 201 -22.52 9.42 4.62
CA PHE A 201 -21.61 8.40 4.07
C PHE A 201 -22.26 7.34 3.23
N GLU A 202 -23.38 6.80 3.73
CA GLU A 202 -24.12 5.78 3.03
C GLU A 202 -24.61 6.38 1.72
N PHE A 203 -24.86 7.68 1.72
CA PHE A 203 -25.30 8.33 0.51
C PHE A 203 -24.10 8.66 -0.40
N THR A 204 -23.10 9.38 0.13
CA THR A 204 -21.94 9.74 -0.68
C THR A 204 -21.14 8.53 -1.18
N HIS A 205 -21.01 7.51 -0.34
CA HIS A 205 -20.25 6.33 -0.73
C HIS A 205 -21.08 5.07 -1.00
N GLN A 206 -22.31 5.25 -1.48
CA GLN A 206 -23.18 4.11 -1.79
C GLN A 206 -22.57 3.33 -2.96
N GLY A 207 -21.99 2.18 -2.64
CA GLY A 207 -21.39 1.36 -3.68
C GLY A 207 -19.90 1.54 -3.91
N ALA A 208 -19.22 2.21 -2.99
CA ALA A 208 -17.78 2.41 -3.13
C ALA A 208 -17.08 1.07 -2.95
N GLU A 209 -16.46 0.57 -4.00
CA GLU A 209 -15.81 -0.72 -3.96
C GLU A 209 -14.66 -0.83 -2.95
N TRP A 210 -14.20 0.29 -2.42
CA TRP A 210 -13.10 0.23 -1.46
C TRP A 210 -13.61 0.31 -0.02
N VAL A 211 -14.93 0.37 0.12
CA VAL A 211 -15.58 0.42 1.42
C VAL A 211 -16.42 -0.85 1.63
N GLU A 212 -16.00 -1.67 2.59
CA GLU A 212 -16.73 -2.92 2.87
C GLU A 212 -18.12 -2.67 3.44
N GLY A 213 -19.10 -3.37 2.89
CA GLY A 213 -20.47 -3.22 3.36
C GLY A 213 -21.15 -2.01 2.75
N SER A 214 -20.55 -1.44 1.72
CA SER A 214 -21.10 -0.27 1.06
C SER A 214 -22.18 -0.69 0.07
N GLU A 215 -22.36 -1.99 -0.08
CA GLU A 215 -23.37 -2.52 -1.00
C GLU A 215 -24.78 -2.26 -0.45
N LYS A 216 -24.87 -2.26 0.88
CA LYS A 216 -26.14 -2.03 1.58
C LYS A 216 -26.62 -0.59 1.51
N TRP A 217 -25.87 0.25 0.79
CA TRP A 217 -26.24 1.66 0.67
C TRP A 217 -26.75 2.00 -0.73
N LEU A 218 -26.29 1.25 -1.72
CA LEU A 218 -26.67 1.46 -3.11
C LEU A 218 -28.15 1.76 -3.36
N GLY A 219 -28.42 2.93 -3.96
CA GLY A 219 -29.78 3.31 -4.26
C GLY A 219 -30.34 4.45 -3.43
N ARG A 220 -29.64 4.84 -2.37
CA ARG A 220 -30.11 5.92 -1.51
C ARG A 220 -30.29 7.24 -2.27
N LYS A 221 -31.16 8.11 -1.74
CA LYS A 221 -31.43 9.41 -2.33
C LYS A 221 -31.23 10.48 -1.25
N TRP A 222 -31.26 11.75 -1.66
CA TRP A 222 -31.07 12.85 -0.71
C TRP A 222 -31.91 14.09 -1.05
N GLY A 223 -32.37 14.78 0.00
CA GLY A 223 -33.16 15.98 -0.17
C GLY A 223 -34.37 16.05 0.74
N SER A 224 -34.16 15.79 2.03
CA SER A 224 -35.26 15.79 3.01
C SER A 224 -35.06 16.80 4.15
N PRO A 225 -36.11 17.07 4.95
CA PRO A 225 -36.07 18.01 6.08
C PRO A 225 -35.09 17.68 7.21
N ASP A 226 -35.54 16.90 8.18
CA ASP A 226 -34.70 16.48 9.31
C ASP A 226 -33.33 16.13 8.74
N ASP A 227 -33.34 15.79 7.45
CA ASP A 227 -32.15 15.44 6.71
C ASP A 227 -31.07 16.51 6.89
N GLN A 228 -31.41 17.75 6.53
CA GLN A 228 -30.45 18.85 6.62
C GLN A 228 -30.22 19.38 8.02
N LYS A 229 -31.17 19.17 8.92
CA LYS A 229 -31.00 19.65 10.28
C LYS A 229 -29.80 18.99 10.94
N HIS A 230 -29.57 17.71 10.59
CA HIS A 230 -28.44 16.99 11.15
C HIS A 230 -27.16 17.62 10.63
N LEU A 231 -27.05 17.69 9.32
CA LEU A 231 -25.88 18.27 8.67
C LEU A 231 -25.61 19.69 9.15
N ILE A 232 -26.68 20.46 9.31
CA ILE A 232 -26.54 21.82 9.76
C ILE A 232 -25.91 21.90 11.15
N GLU A 233 -26.27 20.96 12.03
CA GLU A 233 -25.71 21.00 13.39
C GLU A 233 -24.24 20.58 13.39
N GLU A 234 -23.85 19.84 12.37
CA GLU A 234 -22.48 19.41 12.22
C GLU A 234 -21.67 20.58 11.70
N PHE A 235 -22.25 21.34 10.77
CA PHE A 235 -21.57 22.51 10.22
C PHE A 235 -21.41 23.53 11.34
N ASN A 236 -22.40 23.59 12.23
CA ASN A 236 -22.32 24.49 13.37
C ASN A 236 -21.24 24.02 14.32
N PHE A 237 -21.15 22.70 14.50
CA PHE A 237 -20.13 22.13 15.38
C PHE A 237 -18.79 22.59 14.83
N ILE A 238 -18.58 22.37 13.53
CA ILE A 238 -17.34 22.78 12.86
C ILE A 238 -17.08 24.24 13.20
N GLU A 239 -18.06 25.07 12.84
CA GLU A 239 -18.03 26.51 13.03
C GLU A 239 -17.73 26.96 14.45
N GLU A 240 -18.28 26.25 15.42
CA GLU A 240 -18.07 26.60 16.83
C GLU A 240 -16.65 26.25 17.24
N TRP A 241 -16.12 25.15 16.68
CA TRP A 241 -14.75 24.71 16.99
C TRP A 241 -13.79 25.77 16.48
N SER A 242 -13.97 26.13 15.21
CA SER A 242 -13.17 27.14 14.55
C SER A 242 -13.19 28.49 15.24
N LYS A 243 -14.36 28.94 15.68
CA LYS A 243 -14.45 30.23 16.35
C LYS A 243 -13.76 30.17 17.69
N LYS A 244 -13.79 29.01 18.33
CA LYS A 244 -13.15 28.87 19.63
C LYS A 244 -11.71 28.39 19.53
N ASN A 245 -11.19 28.25 18.32
CA ASN A 245 -9.81 27.81 18.11
C ASN A 245 -8.98 28.75 17.24
N LYS A 246 -9.62 29.80 16.73
CA LYS A 246 -8.94 30.79 15.88
C LYS A 246 -8.27 30.16 14.64
N ARG A 247 -8.91 29.17 14.03
CA ARG A 247 -8.36 28.52 12.84
C ARG A 247 -9.37 28.49 11.69
N PRO A 248 -8.94 28.85 10.48
CA PRO A 248 -9.86 28.85 9.34
C PRO A 248 -10.21 27.41 8.94
N ILE A 249 -11.32 27.24 8.24
CA ILE A 249 -11.75 25.91 7.79
C ILE A 249 -11.64 25.81 6.30
N TYR A 250 -11.34 24.60 5.84
CA TYR A 250 -11.24 24.32 4.43
C TYR A 250 -11.89 22.98 4.33
N ILE A 251 -12.84 22.84 3.44
CA ILE A 251 -13.45 21.56 3.26
C ILE A 251 -12.69 20.95 2.07
N GLY A 252 -11.62 20.24 2.41
CA GLY A 252 -10.76 19.63 1.40
C GLY A 252 -11.37 18.58 0.50
N GLU A 253 -12.43 17.94 0.94
CA GLU A 253 -13.09 16.94 0.12
C GLU A 253 -14.54 16.82 0.52
N PHE A 254 -15.38 16.67 -0.49
CA PHE A 254 -16.80 16.49 -0.31
C PHE A 254 -17.35 16.15 -1.70
N GLY A 255 -18.19 15.12 -1.76
CA GLY A 255 -18.76 14.71 -3.02
C GLY A 255 -19.52 13.40 -2.90
N ALA A 256 -20.39 13.15 -3.88
CA ALA A 256 -21.20 11.94 -3.92
C ALA A 256 -20.74 11.07 -5.09
N TYR A 257 -20.67 9.76 -4.82
CA TYR A 257 -20.25 8.78 -5.80
C TYR A 257 -21.30 8.68 -6.90
N ARG A 258 -20.83 8.57 -8.14
CA ARG A 258 -21.66 8.47 -9.34
C ARG A 258 -22.86 7.51 -9.26
N LYS A 259 -22.73 6.42 -8.50
CA LYS A 259 -23.81 5.44 -8.37
C LYS A 259 -25.06 6.02 -7.71
N ALA A 260 -24.95 7.22 -7.16
CA ALA A 260 -26.10 7.85 -6.55
C ALA A 260 -26.79 8.54 -7.72
N ASP A 261 -28.09 8.81 -7.60
CA ASP A 261 -28.82 9.48 -8.68
C ASP A 261 -28.47 10.96 -8.77
N LEU A 262 -28.20 11.42 -9.99
CA LEU A 262 -27.84 12.81 -10.21
C LEU A 262 -28.64 13.78 -9.37
N GLU A 263 -29.96 13.62 -9.34
CA GLU A 263 -30.81 14.51 -8.57
C GLU A 263 -30.38 14.71 -7.12
N SER A 264 -30.33 13.62 -6.36
CA SER A 264 -29.95 13.74 -4.96
C SER A 264 -28.48 14.13 -4.79
N ARG A 265 -27.69 13.98 -5.87
CA ARG A 265 -26.27 14.36 -5.82
C ARG A 265 -26.13 15.87 -5.98
N ILE A 266 -27.06 16.45 -6.73
CA ILE A 266 -27.09 17.90 -6.99
C ILE A 266 -27.69 18.59 -5.78
N LYS A 267 -28.68 17.96 -5.15
CA LYS A 267 -29.32 18.52 -3.98
C LYS A 267 -28.32 18.59 -2.82
N TRP A 268 -27.62 17.49 -2.57
CA TRP A 268 -26.62 17.40 -1.49
C TRP A 268 -25.45 18.37 -1.73
N THR A 269 -24.88 18.32 -2.93
CA THR A 269 -23.76 19.19 -3.24
C THR A 269 -24.19 20.64 -3.05
N SER A 270 -25.27 21.02 -3.73
CA SER A 270 -25.75 22.39 -3.64
C SER A 270 -25.95 22.81 -2.19
N PHE A 271 -26.59 21.95 -1.42
CA PHE A 271 -26.86 22.27 -0.04
C PHE A 271 -25.59 22.50 0.76
N VAL A 272 -24.72 21.51 0.71
CA VAL A 272 -23.48 21.57 1.44
C VAL A 272 -22.60 22.73 0.94
N VAL A 273 -22.62 23.00 -0.36
CA VAL A 273 -21.80 24.11 -0.83
C VAL A 273 -22.31 25.42 -0.20
N ARG A 274 -23.62 25.63 -0.21
CA ARG A 274 -24.20 26.83 0.37
C ARG A 274 -23.86 26.93 1.85
N GLU A 275 -24.07 25.85 2.60
CA GLU A 275 -23.74 25.82 4.02
C GLU A 275 -22.25 26.12 4.23
N MET A 276 -21.42 25.78 3.25
CA MET A 276 -19.98 26.04 3.34
C MET A 276 -19.65 27.52 3.08
N GLU A 277 -20.35 28.13 2.13
CA GLU A 277 -20.11 29.53 1.83
C GLU A 277 -20.72 30.39 2.92
N LYS A 278 -21.82 29.93 3.52
CA LYS A 278 -22.47 30.69 4.59
C LYS A 278 -21.48 30.90 5.71
N ARG A 279 -20.67 29.89 6.00
CA ARG A 279 -19.68 29.99 7.07
C ARG A 279 -18.33 30.44 6.53
N ARG A 280 -18.34 30.88 5.28
CA ARG A 280 -17.16 31.37 4.58
C ARG A 280 -16.00 30.36 4.56
N TRP A 281 -16.30 29.09 4.29
CA TRP A 281 -15.26 28.08 4.24
C TRP A 281 -14.74 27.90 2.82
N SER A 282 -13.47 27.52 2.71
CA SER A 282 -12.89 27.28 1.41
C SER A 282 -13.20 25.81 1.23
N TRP A 283 -13.15 25.32 0.00
CA TRP A 283 -13.45 23.91 -0.22
C TRP A 283 -13.18 23.39 -1.62
N ALA A 284 -13.08 22.07 -1.73
CA ALA A 284 -12.79 21.47 -3.01
C ALA A 284 -13.61 20.20 -3.16
N TYR A 285 -14.35 20.14 -4.26
CA TYR A 285 -15.22 19.01 -4.60
C TYR A 285 -14.40 17.77 -4.90
N TRP A 286 -14.78 16.62 -4.35
CA TRP A 286 -13.97 15.46 -4.65
C TRP A 286 -14.10 15.02 -6.10
N GLU A 287 -12.94 15.17 -6.72
CA GLU A 287 -12.54 14.90 -8.08
C GLU A 287 -13.37 15.22 -9.34
N PHE A 288 -12.60 15.87 -10.19
CA PHE A 288 -12.91 16.39 -11.49
C PHE A 288 -13.60 15.46 -12.48
N CYS A 289 -12.94 14.36 -12.82
CA CYS A 289 -13.47 13.49 -13.87
C CYS A 289 -13.77 12.03 -13.61
N SER A 290 -13.12 11.42 -12.62
CA SER A 290 -13.34 10.00 -12.38
C SER A 290 -14.71 9.64 -11.81
N GLY A 291 -14.75 8.52 -11.09
CA GLY A 291 -15.98 8.00 -10.50
C GLY A 291 -16.83 8.91 -9.63
N PHE A 292 -16.33 10.11 -9.35
CA PHE A 292 -17.02 11.12 -8.53
C PHE A 292 -17.11 12.38 -9.36
N GLY A 293 -16.61 12.28 -10.61
CA GLY A 293 -16.52 13.38 -11.55
C GLY A 293 -17.66 14.34 -11.83
N VAL A 294 -17.27 15.56 -12.22
CA VAL A 294 -18.20 16.61 -12.56
C VAL A 294 -17.90 17.00 -14.00
N TYR A 295 -16.82 16.45 -14.54
CA TYR A 295 -16.41 16.69 -15.91
C TYR A 295 -16.00 15.39 -16.58
N ASP A 296 -16.78 14.97 -17.58
CA ASP A 296 -16.51 13.73 -18.29
C ASP A 296 -15.43 13.92 -19.35
N THR A 297 -14.22 13.48 -19.01
CA THR A 297 -13.05 13.57 -19.88
C THR A 297 -13.28 13.34 -21.38
N LEU A 298 -13.44 12.08 -21.76
CA LEU A 298 -13.66 11.69 -23.17
C LEU A 298 -15.10 11.94 -23.58
N ARG A 299 -15.43 13.21 -23.85
CA ARG A 299 -16.78 13.61 -24.25
C ARG A 299 -16.93 15.10 -23.96
N LYS A 300 -15.84 15.70 -23.52
CA LYS A 300 -15.76 17.13 -23.17
C LYS A 300 -17.10 17.78 -22.82
N THR A 301 -17.56 17.59 -21.59
CA THR A 301 -18.82 18.18 -21.15
C THR A 301 -19.02 18.08 -19.63
N TRP A 302 -19.25 19.22 -18.98
CA TRP A 302 -19.46 19.25 -17.54
C TRP A 302 -20.91 18.86 -17.24
N ASN A 303 -21.16 18.53 -15.97
CA ASN A 303 -22.50 18.18 -15.52
C ASN A 303 -22.99 19.53 -14.97
N LYS A 304 -23.09 20.49 -15.89
CA LYS A 304 -23.48 21.86 -15.61
C LYS A 304 -24.37 22.12 -14.40
N ASP A 305 -25.31 21.23 -14.13
CA ASP A 305 -26.16 21.43 -12.97
C ASP A 305 -25.31 21.19 -11.74
N LEU A 306 -24.57 20.09 -11.77
CA LEU A 306 -23.69 19.76 -10.67
C LEU A 306 -22.66 20.88 -10.55
N LEU A 307 -22.15 21.34 -11.69
CA LEU A 307 -21.17 22.41 -11.73
C LEU A 307 -21.76 23.75 -11.27
N GLU A 308 -23.03 23.95 -11.60
CA GLU A 308 -23.77 25.15 -11.26
C GLU A 308 -23.87 25.21 -9.73
N ALA A 309 -23.99 24.03 -9.13
CA ALA A 309 -24.11 23.90 -7.69
C ALA A 309 -22.77 24.19 -6.97
N LEU A 310 -21.66 23.91 -7.62
CA LEU A 310 -20.37 24.16 -7.01
C LEU A 310 -19.97 25.62 -7.17
N ILE A 311 -20.31 26.21 -8.32
CA ILE A 311 -19.96 27.59 -8.60
C ILE A 311 -20.96 28.66 -8.13
N GLY A 312 -20.61 29.34 -7.05
CA GLY A 312 -21.44 30.40 -6.48
C GLY A 312 -22.92 30.09 -6.53
N GLY B 2 7.17 -44.42 1.45
CA GLY B 2 8.33 -43.54 1.76
C GLY B 2 8.04 -42.09 1.45
N VAL B 3 9.08 -41.34 1.05
CA VAL B 3 8.93 -39.92 0.70
C VAL B 3 9.82 -39.55 -0.49
N ASP B 4 9.23 -38.88 -1.48
CA ASP B 4 9.94 -38.50 -2.70
C ASP B 4 9.90 -37.01 -3.04
N PRO B 5 11.03 -36.30 -2.90
CA PRO B 5 11.15 -34.88 -3.20
C PRO B 5 10.60 -34.48 -4.56
N PHE B 6 11.20 -35.01 -5.62
CA PHE B 6 10.77 -34.70 -6.98
C PHE B 6 9.29 -34.89 -7.21
N GLU B 7 8.74 -35.98 -6.71
CA GLU B 7 7.32 -36.22 -6.88
C GLU B 7 6.47 -35.16 -6.16
N ARG B 8 6.92 -34.71 -5.01
CA ARG B 8 6.18 -33.69 -4.30
C ARG B 8 6.45 -32.36 -4.96
N ASN B 9 7.64 -32.22 -5.53
CA ASN B 9 7.96 -30.98 -6.20
C ASN B 9 7.00 -30.76 -7.37
N LYS B 10 6.54 -31.87 -7.96
CA LYS B 10 5.60 -31.78 -9.07
C LYS B 10 4.23 -31.45 -8.50
N ILE B 11 3.98 -31.87 -7.27
CA ILE B 11 2.69 -31.58 -6.66
C ILE B 11 2.48 -30.08 -6.56
N LEU B 12 3.56 -29.33 -6.27
CA LEU B 12 3.49 -27.87 -6.15
C LEU B 12 3.17 -27.20 -7.47
N GLY B 13 3.94 -27.56 -8.49
CA GLY B 13 3.72 -26.99 -9.82
C GLY B 13 3.54 -25.49 -9.82
N ARG B 14 2.60 -25.01 -10.63
CA ARG B 14 2.32 -23.59 -10.76
C ARG B 14 1.83 -23.04 -9.43
N GLY B 15 2.52 -22.02 -8.91
CA GLY B 15 2.14 -21.43 -7.63
C GLY B 15 2.09 -19.91 -7.60
N ILE B 16 1.43 -19.38 -6.57
CA ILE B 16 1.27 -17.94 -6.40
C ILE B 16 1.52 -17.47 -4.96
N ASN B 17 2.30 -16.39 -4.84
CA ASN B 17 2.60 -15.79 -3.54
C ASN B 17 1.51 -14.82 -3.15
N ILE B 18 1.06 -14.91 -1.90
CA ILE B 18 0.08 -13.97 -1.41
C ILE B 18 1.01 -13.15 -0.54
N GLY B 19 1.67 -12.18 -1.18
CA GLY B 19 2.61 -11.33 -0.49
C GLY B 19 2.06 -10.08 0.16
N ASN B 20 2.95 -9.37 0.82
CA ASN B 20 2.62 -8.13 1.51
C ASN B 20 1.46 -8.38 2.43
N ALA B 21 1.47 -9.56 3.05
CA ALA B 21 0.41 -9.98 3.97
C ALA B 21 0.94 -10.35 5.36
N LEU B 22 1.02 -11.63 5.67
CA LEU B 22 1.49 -12.07 6.99
C LEU B 22 2.99 -11.86 7.22
N GLU B 23 3.67 -11.31 6.23
CA GLU B 23 5.11 -11.04 6.34
C GLU B 23 5.39 -9.58 6.72
N ALA B 24 4.33 -8.80 6.93
CA ALA B 24 4.46 -7.42 7.35
C ALA B 24 4.38 -7.55 8.88
N PRO B 25 4.70 -6.49 9.63
CA PRO B 25 4.60 -6.64 11.10
C PRO B 25 3.25 -7.23 11.54
N ASN B 26 2.19 -6.88 10.82
CA ASN B 26 0.86 -7.41 11.07
C ASN B 26 0.15 -7.55 9.76
N GLU B 27 -0.56 -8.66 9.58
CA GLU B 27 -1.28 -8.87 8.33
C GLU B 27 -2.04 -7.60 7.98
N GLY B 28 -1.83 -7.10 6.77
CA GLY B 28 -2.53 -5.90 6.36
C GLY B 28 -1.74 -4.61 6.41
N ASP B 29 -0.76 -4.51 7.32
CA ASP B 29 0.06 -3.31 7.42
C ASP B 29 0.46 -2.80 6.05
N TRP B 30 0.81 -3.74 5.19
CA TRP B 30 1.25 -3.44 3.84
C TRP B 30 0.16 -3.55 2.77
N GLY B 31 -1.10 -3.44 3.19
CA GLY B 31 -2.19 -3.47 2.23
C GLY B 31 -2.84 -4.77 1.78
N VAL B 32 -2.32 -5.93 2.19
CA VAL B 32 -2.95 -7.17 1.78
C VAL B 32 -3.35 -8.00 2.96
N VAL B 33 -4.64 -8.32 3.00
CA VAL B 33 -5.23 -9.18 4.03
C VAL B 33 -5.75 -10.35 3.20
N ILE B 34 -5.45 -11.57 3.64
CA ILE B 34 -5.81 -12.73 2.86
C ILE B 34 -7.24 -13.20 3.08
N LYS B 35 -8.07 -12.98 2.07
CA LYS B 35 -9.46 -13.39 2.17
C LYS B 35 -9.55 -14.82 1.69
N ASP B 36 -10.52 -15.56 2.22
CA ASP B 36 -10.73 -16.94 1.83
C ASP B 36 -11.18 -16.97 0.37
N GLU B 37 -11.77 -15.87 -0.07
CA GLU B 37 -12.24 -15.76 -1.44
C GLU B 37 -11.05 -15.96 -2.39
N PHE B 38 -9.89 -15.48 -1.97
CA PHE B 38 -8.66 -15.60 -2.76
C PHE B 38 -8.33 -17.03 -3.20
N PHE B 39 -8.48 -17.98 -2.28
CA PHE B 39 -8.17 -19.37 -2.57
C PHE B 39 -9.03 -19.93 -3.69
N ASP B 40 -10.30 -19.51 -3.74
CA ASP B 40 -11.17 -19.98 -4.81
C ASP B 40 -10.65 -19.37 -6.10
N ILE B 41 -10.31 -18.09 -6.02
CA ILE B 41 -9.81 -17.34 -7.17
C ILE B 41 -8.49 -17.85 -7.75
N ILE B 42 -7.51 -18.09 -6.88
CA ILE B 42 -6.20 -18.59 -7.31
C ILE B 42 -6.32 -19.94 -8.06
N LYS B 43 -7.05 -20.89 -7.48
CA LYS B 43 -7.21 -22.20 -8.10
C LYS B 43 -7.88 -22.09 -9.47
N GLU B 44 -8.93 -21.28 -9.54
CA GLU B 44 -9.66 -21.11 -10.79
C GLU B 44 -8.86 -20.43 -11.90
N ALA B 45 -7.64 -20.01 -11.59
CA ALA B 45 -6.79 -19.38 -12.59
C ALA B 45 -5.87 -20.47 -13.10
N GLY B 46 -6.00 -21.66 -12.51
CA GLY B 46 -5.20 -22.81 -12.91
C GLY B 46 -4.01 -23.16 -12.02
N PHE B 47 -3.82 -22.41 -10.93
CA PHE B 47 -2.70 -22.64 -10.02
C PHE B 47 -2.73 -23.95 -9.25
N SER B 48 -1.55 -24.43 -8.87
CA SER B 48 -1.40 -25.67 -8.12
C SER B 48 -0.99 -25.43 -6.67
N HIS B 49 -0.54 -24.22 -6.37
CA HIS B 49 -0.12 -23.90 -5.01
C HIS B 49 0.05 -22.42 -4.74
N VAL B 50 -0.09 -22.08 -3.45
CA VAL B 50 0.07 -20.69 -2.99
C VAL B 50 1.11 -20.58 -1.89
N ARG B 51 2.11 -19.74 -2.14
CA ARG B 51 3.15 -19.52 -1.15
C ARG B 51 2.70 -18.41 -0.21
N ILE B 52 2.83 -18.67 1.09
CA ILE B 52 2.43 -17.75 2.15
C ILE B 52 3.64 -17.22 2.93
N PRO B 53 4.20 -16.07 2.53
CA PRO B 53 5.34 -15.55 3.28
C PRO B 53 4.84 -15.22 4.68
N ILE B 54 5.60 -15.57 5.70
CA ILE B 54 5.15 -15.30 7.05
C ILE B 54 6.23 -14.70 7.95
N ARG B 55 5.87 -13.66 8.67
CA ARG B 55 6.80 -13.01 9.59
C ARG B 55 6.46 -13.50 11.01
N TRP B 56 6.85 -14.72 11.34
CA TRP B 56 6.57 -15.30 12.65
C TRP B 56 7.29 -14.56 13.79
N SER B 57 8.43 -13.97 13.47
CA SER B 57 9.26 -13.28 14.46
C SER B 57 8.57 -12.24 15.33
N THR B 58 7.71 -11.41 14.73
CA THR B 58 6.99 -10.40 15.47
C THR B 58 5.74 -10.99 16.14
N HIS B 59 5.63 -12.32 16.12
CA HIS B 59 4.49 -12.97 16.75
C HIS B 59 4.90 -14.03 17.74
N ALA B 60 6.09 -13.85 18.34
CA ALA B 60 6.61 -14.80 19.31
C ALA B 60 7.40 -14.11 20.42
N TYR B 61 7.42 -14.69 21.62
CA TYR B 61 8.15 -14.11 22.74
C TYR B 61 9.62 -13.92 22.39
N ALA B 62 10.26 -12.91 22.99
CA ALA B 62 11.65 -12.60 22.71
C ALA B 62 12.60 -13.39 23.61
N PHE B 63 12.05 -13.92 24.68
CA PHE B 63 12.80 -14.70 25.65
C PHE B 63 12.31 -16.15 25.55
N PRO B 64 13.18 -17.13 25.82
CA PRO B 64 12.75 -18.53 25.73
C PRO B 64 11.48 -18.76 26.56
N PRO B 65 10.65 -19.75 26.16
CA PRO B 65 10.83 -20.65 25.01
C PRO B 65 10.60 -20.00 23.63
N TYR B 66 10.20 -18.72 23.60
CA TYR B 66 9.93 -18.02 22.35
C TYR B 66 8.59 -18.49 21.76
N LYS B 67 7.60 -18.65 22.63
CA LYS B 67 6.30 -19.12 22.21
C LYS B 67 5.64 -18.20 21.19
N ILE B 68 5.12 -18.80 20.12
CA ILE B 68 4.43 -18.09 19.06
C ILE B 68 3.02 -17.92 19.58
N MET B 69 2.48 -16.71 19.46
CA MET B 69 1.13 -16.46 19.93
C MET B 69 0.15 -17.34 19.17
N ASP B 70 -0.73 -18.01 19.93
CA ASP B 70 -1.73 -18.92 19.37
C ASP B 70 -2.81 -18.20 18.57
N ARG B 71 -2.93 -16.89 18.78
CA ARG B 71 -3.91 -16.10 18.05
C ARG B 71 -3.41 -16.03 16.62
N PHE B 72 -2.10 -15.84 16.48
CA PHE B 72 -1.46 -15.74 15.17
C PHE B 72 -1.44 -17.11 14.53
N PHE B 73 -1.36 -18.13 15.36
CA PHE B 73 -1.37 -19.51 14.88
C PHE B 73 -2.75 -19.86 14.36
N LYS B 74 -3.78 -19.27 14.95
CA LYS B 74 -5.14 -19.52 14.51
C LYS B 74 -5.27 -19.01 13.07
N ARG B 75 -4.89 -17.75 12.87
CA ARG B 75 -4.95 -17.10 11.56
C ARG B 75 -4.08 -17.74 10.50
N VAL B 76 -2.99 -18.41 10.90
CA VAL B 76 -2.17 -19.08 9.90
C VAL B 76 -2.93 -20.35 9.51
N ASP B 77 -3.55 -20.98 10.51
CA ASP B 77 -4.31 -22.20 10.30
C ASP B 77 -5.50 -21.95 9.38
N GLU B 78 -6.17 -20.83 9.57
CA GLU B 78 -7.32 -20.51 8.73
C GLU B 78 -6.90 -20.45 7.27
N VAL B 79 -5.76 -19.81 7.03
CA VAL B 79 -5.24 -19.64 5.67
C VAL B 79 -4.79 -20.98 5.12
N ILE B 80 -4.18 -21.81 5.97
CA ILE B 80 -3.71 -23.10 5.53
C ILE B 80 -4.91 -23.99 5.24
N ASN B 81 -5.74 -24.21 6.25
CA ASN B 81 -6.94 -25.02 6.08
C ASN B 81 -7.67 -24.45 4.87
N GLY B 82 -7.36 -23.18 4.59
CA GLY B 82 -7.97 -22.46 3.48
C GLY B 82 -7.55 -22.85 2.07
N ALA B 83 -6.24 -22.88 1.80
CA ALA B 83 -5.75 -23.22 0.46
C ALA B 83 -5.97 -24.70 0.18
N LEU B 84 -5.69 -25.52 1.19
CA LEU B 84 -5.86 -26.96 1.13
C LEU B 84 -7.30 -27.34 0.77
N LYS B 85 -8.26 -26.68 1.41
CA LYS B 85 -9.67 -26.93 1.16
C LYS B 85 -9.95 -26.97 -0.35
N ARG B 86 -9.34 -26.04 -1.09
CA ARG B 86 -9.52 -25.98 -2.55
C ARG B 86 -8.56 -26.91 -3.28
N GLY B 87 -7.94 -27.84 -2.55
CA GLY B 87 -7.00 -28.76 -3.17
C GLY B 87 -5.76 -28.07 -3.71
N LEU B 88 -5.29 -27.04 -2.98
CA LEU B 88 -4.10 -26.28 -3.37
C LEU B 88 -2.95 -26.55 -2.40
N ALA B 89 -1.73 -26.57 -2.92
CA ALA B 89 -0.56 -26.81 -2.07
C ALA B 89 -0.21 -25.50 -1.36
N VAL B 90 0.44 -25.64 -0.20
CA VAL B 90 0.81 -24.52 0.63
C VAL B 90 2.22 -24.54 1.16
N VAL B 91 2.99 -23.52 0.80
CA VAL B 91 4.34 -23.39 1.31
C VAL B 91 4.30 -22.30 2.36
N ILE B 92 4.92 -22.54 3.50
CA ILE B 92 4.97 -21.57 4.55
C ILE B 92 6.43 -21.42 4.91
N ASN B 93 6.84 -20.23 5.33
CA ASN B 93 8.23 -20.01 5.69
C ASN B 93 8.39 -19.09 6.87
N ILE B 94 9.62 -18.67 7.10
CA ILE B 94 9.98 -17.70 8.12
C ILE B 94 10.48 -16.57 7.22
N HIS B 95 9.64 -15.56 7.02
CA HIS B 95 9.98 -14.47 6.13
C HIS B 95 10.20 -13.19 6.90
N HIS B 96 11.22 -12.44 6.48
CA HIS B 96 11.60 -11.15 7.08
C HIS B 96 11.97 -11.13 8.55
N TYR B 97 12.68 -12.15 9.00
CA TYR B 97 13.15 -12.18 10.37
C TYR B 97 14.43 -11.34 10.26
N GLU B 98 14.20 -10.03 10.17
CA GLU B 98 15.23 -9.01 10.02
C GLU B 98 16.31 -9.06 11.09
N GLU B 99 15.89 -9.27 12.33
CA GLU B 99 16.79 -9.35 13.47
C GLU B 99 17.80 -10.48 13.31
N LEU B 100 17.36 -11.56 12.68
CA LEU B 100 18.19 -12.72 12.45
C LEU B 100 19.29 -12.44 11.43
N MET B 101 19.03 -11.48 10.54
CA MET B 101 20.00 -11.12 9.52
C MET B 101 21.06 -10.22 10.14
N ASN B 102 20.66 -9.49 11.17
CA ASN B 102 21.54 -8.55 11.86
C ASN B 102 22.52 -9.27 12.78
N ASP B 103 21.96 -9.97 13.76
CA ASP B 103 22.77 -10.71 14.70
C ASP B 103 22.25 -12.15 14.67
N PRO B 104 22.82 -12.99 13.78
CA PRO B 104 22.37 -14.37 13.67
C PRO B 104 22.73 -15.26 14.88
N GLU B 105 23.90 -15.01 15.47
CA GLU B 105 24.33 -15.78 16.63
C GLU B 105 23.35 -15.55 17.76
N GLU B 106 22.85 -14.32 17.85
CA GLU B 106 21.89 -13.94 18.87
C GLU B 106 20.55 -14.64 18.67
N HIS B 107 19.90 -14.37 17.56
CA HIS B 107 18.59 -14.95 17.27
C HIS B 107 18.59 -16.42 16.91
N LYS B 108 19.77 -16.98 16.67
CA LYS B 108 19.91 -18.40 16.33
C LYS B 108 18.96 -19.26 17.16
N GLU B 109 19.20 -19.31 18.47
CA GLU B 109 18.38 -20.10 19.39
C GLU B 109 16.88 -19.92 19.15
N ARG B 110 16.42 -18.68 19.29
CA ARG B 110 15.01 -18.32 19.09
C ARG B 110 14.48 -18.89 17.76
N PHE B 111 15.21 -18.62 16.68
CA PHE B 111 14.87 -19.10 15.35
C PHE B 111 14.54 -20.58 15.41
N LEU B 112 15.42 -21.36 16.03
CA LEU B 112 15.21 -22.79 16.16
C LEU B 112 13.92 -23.16 16.89
N ALA B 113 13.55 -22.33 17.87
CA ALA B 113 12.35 -22.56 18.69
C ALA B 113 11.09 -22.44 17.84
N LEU B 114 11.11 -21.51 16.90
CA LEU B 114 9.99 -21.30 15.99
C LEU B 114 9.80 -22.54 15.11
N TRP B 115 10.88 -23.01 14.49
CA TRP B 115 10.80 -24.20 13.64
C TRP B 115 10.42 -25.42 14.49
N LYS B 116 10.75 -25.36 15.76
CA LYS B 116 10.40 -26.45 16.66
C LYS B 116 8.88 -26.47 16.75
N GLN B 117 8.31 -25.29 16.94
CA GLN B 117 6.86 -25.14 17.08
C GLN B 117 6.12 -25.31 15.76
N ILE B 118 6.70 -24.76 14.69
CA ILE B 118 6.10 -24.86 13.35
C ILE B 118 5.93 -26.34 13.05
N ALA B 119 7.04 -27.07 13.17
CA ALA B 119 7.09 -28.50 12.91
C ALA B 119 6.11 -29.29 13.76
N ASP B 120 6.07 -29.02 15.06
CA ASP B 120 5.16 -29.74 15.95
C ASP B 120 3.72 -29.46 15.59
N ARG B 121 3.46 -28.20 15.28
CA ARG B 121 2.13 -27.71 14.92
C ARG B 121 1.52 -28.41 13.72
N TYR B 122 2.30 -28.49 12.65
CA TYR B 122 1.82 -29.07 11.41
C TYR B 122 2.35 -30.42 11.01
N LYS B 123 3.33 -30.95 11.75
CA LYS B 123 3.91 -32.25 11.39
C LYS B 123 2.87 -33.31 11.01
N ASP B 124 1.64 -33.13 11.45
CA ASP B 124 0.58 -34.08 11.13
C ASP B 124 -0.18 -33.68 9.86
N TYR B 125 -0.23 -32.38 9.59
CA TYR B 125 -0.92 -31.89 8.41
C TYR B 125 -0.52 -32.70 7.16
N PRO B 126 -1.34 -32.64 6.11
CA PRO B 126 -1.08 -33.37 4.86
C PRO B 126 0.28 -33.09 4.25
N GLU B 127 0.69 -33.97 3.34
CA GLU B 127 1.97 -33.83 2.65
C GLU B 127 1.87 -32.60 1.75
N THR B 128 0.66 -32.06 1.62
CA THR B 128 0.39 -30.92 0.77
C THR B 128 0.97 -29.62 1.37
N LEU B 129 1.54 -29.73 2.56
CA LEU B 129 2.13 -28.59 3.26
C LEU B 129 3.65 -28.68 3.23
N PHE B 130 4.30 -27.61 2.78
CA PHE B 130 5.76 -27.59 2.71
C PHE B 130 6.37 -26.60 3.71
N PHE B 131 7.61 -26.84 4.15
CA PHE B 131 8.30 -25.96 5.10
C PHE B 131 9.53 -25.33 4.46
N GLU B 132 9.53 -24.01 4.33
CA GLU B 132 10.68 -23.32 3.75
C GLU B 132 11.50 -22.78 4.93
N ILE B 133 12.74 -23.25 5.08
CA ILE B 133 13.61 -22.85 6.19
C ILE B 133 13.70 -21.35 6.49
N LEU B 134 14.32 -20.60 5.59
CA LEU B 134 14.49 -19.17 5.75
C LEU B 134 14.59 -18.48 4.41
N ASN B 135 13.75 -17.47 4.23
CA ASN B 135 13.71 -16.68 3.01
C ASN B 135 14.93 -15.79 2.79
N ALA B 136 15.39 -15.75 1.55
CA ALA B 136 16.53 -14.95 1.10
C ALA B 136 17.46 -14.43 2.18
N PRO B 137 18.20 -15.33 2.84
CA PRO B 137 19.14 -14.97 3.90
C PRO B 137 20.14 -13.92 3.41
N HIS B 138 20.59 -13.06 4.32
CA HIS B 138 21.53 -12.00 3.99
C HIS B 138 22.06 -11.26 5.20
N GLY B 139 22.91 -10.26 4.95
CA GLY B 139 23.49 -9.47 6.02
C GLY B 139 24.58 -10.19 6.81
N ASN B 140 24.37 -10.34 8.11
CA ASN B 140 25.33 -11.02 8.97
C ASN B 140 25.11 -12.51 8.88
N LEU B 141 24.19 -12.90 8.00
CA LEU B 141 23.91 -14.31 7.78
C LEU B 141 24.55 -14.66 6.44
N THR B 142 25.88 -14.63 6.46
CA THR B 142 26.69 -14.92 5.29
C THR B 142 26.34 -16.31 4.78
N PRO B 143 26.83 -16.68 3.58
CA PRO B 143 26.52 -18.00 3.06
C PRO B 143 27.00 -19.09 4.01
N GLU B 144 28.09 -18.80 4.72
CA GLU B 144 28.67 -19.74 5.69
C GLU B 144 27.76 -19.93 6.90
N LYS B 145 27.35 -18.82 7.51
CA LYS B 145 26.47 -18.87 8.68
C LYS B 145 25.12 -19.50 8.30
N TRP B 146 24.71 -19.26 7.06
CA TRP B 146 23.46 -19.81 6.55
C TRP B 146 23.53 -21.34 6.60
N ASN B 147 24.48 -21.90 5.86
CA ASN B 147 24.67 -23.34 5.83
C ASN B 147 24.70 -23.87 7.25
N GLU B 148 25.63 -23.36 8.05
CA GLU B 148 25.75 -23.77 9.45
C GLU B 148 24.41 -23.70 10.19
N LEU B 149 23.62 -22.67 9.90
CA LEU B 149 22.33 -22.53 10.55
C LEU B 149 21.27 -23.47 9.97
N LEU B 150 21.25 -23.60 8.65
CA LEU B 150 20.27 -24.47 8.03
C LEU B 150 20.47 -25.90 8.49
N GLU B 151 21.71 -26.36 8.48
CA GLU B 151 22.03 -27.71 8.93
C GLU B 151 21.48 -27.95 10.32
N GLU B 152 21.45 -26.90 11.15
CA GLU B 152 20.92 -26.99 12.51
C GLU B 152 19.40 -27.05 12.52
N ALA B 153 18.76 -26.26 11.66
CA ALA B 153 17.30 -26.24 11.56
C ALA B 153 16.81 -27.59 11.05
N LEU B 154 17.58 -28.17 10.13
CA LEU B 154 17.27 -29.47 9.56
C LEU B 154 17.19 -30.53 10.65
N LYS B 155 18.17 -30.52 11.56
CA LYS B 155 18.18 -31.49 12.64
C LYS B 155 16.94 -31.30 13.51
N VAL B 156 16.59 -30.06 13.81
CA VAL B 156 15.42 -29.81 14.64
C VAL B 156 14.17 -30.30 13.89
N ILE B 157 14.00 -29.82 12.66
CA ILE B 157 12.85 -30.21 11.85
C ILE B 157 12.72 -31.73 11.78
N ARG B 158 13.70 -32.35 11.12
CA ARG B 158 13.72 -33.80 10.97
C ARG B 158 13.60 -34.52 12.29
N SER B 159 13.91 -33.80 13.37
CA SER B 159 13.84 -34.38 14.69
C SER B 159 12.38 -34.59 15.06
N ILE B 160 11.52 -33.65 14.69
CA ILE B 160 10.09 -33.72 14.98
C ILE B 160 9.25 -34.15 13.77
N ASP B 161 9.80 -33.97 12.58
CA ASP B 161 9.06 -34.31 11.36
C ASP B 161 9.96 -34.74 10.22
N LYS B 162 9.67 -35.92 9.69
CA LYS B 162 10.43 -36.49 8.58
C LYS B 162 9.51 -36.67 7.37
N LYS B 163 8.22 -36.52 7.60
CA LYS B 163 7.20 -36.68 6.56
C LYS B 163 7.14 -35.52 5.54
N HIS B 164 7.16 -34.27 6.03
CA HIS B 164 7.08 -33.07 5.19
C HIS B 164 8.35 -32.68 4.46
N THR B 165 8.19 -32.27 3.20
CA THR B 165 9.28 -31.84 2.34
C THR B 165 9.83 -30.47 2.73
N ILE B 166 11.12 -30.39 3.02
CA ILE B 166 11.75 -29.13 3.42
C ILE B 166 12.24 -28.31 2.23
N ILE B 167 12.10 -26.99 2.30
CA ILE B 167 12.54 -26.12 1.22
C ILE B 167 13.77 -25.28 1.61
N ILE B 168 14.89 -25.62 1.01
CA ILE B 168 16.17 -24.96 1.26
C ILE B 168 16.45 -23.90 0.21
N GLY B 169 16.82 -22.71 0.67
CA GLY B 169 17.10 -21.62 -0.24
C GLY B 169 18.56 -21.22 -0.26
N THR B 170 18.85 -20.10 -0.90
CA THR B 170 20.21 -19.60 -1.01
C THR B 170 20.48 -18.34 -0.16
N ALA B 171 21.75 -18.08 0.10
CA ALA B 171 22.11 -16.91 0.88
C ALA B 171 22.43 -15.75 -0.07
N GLU B 172 22.80 -14.62 0.51
CA GLU B 172 23.09 -13.43 -0.28
C GLU B 172 21.84 -13.07 -1.08
N TRP B 173 20.75 -12.87 -0.34
CA TRP B 173 19.45 -12.49 -0.91
C TRP B 173 18.68 -13.54 -1.70
N GLY B 174 18.81 -14.81 -1.34
CA GLY B 174 18.08 -15.86 -2.05
C GLY B 174 18.31 -15.86 -3.55
N GLY B 175 19.34 -15.16 -3.98
CA GLY B 175 19.69 -15.09 -5.39
C GLY B 175 20.58 -16.26 -5.79
N ILE B 176 21.11 -16.23 -7.01
CA ILE B 176 21.96 -17.33 -7.46
C ILE B 176 23.46 -17.07 -7.23
N SER B 177 23.81 -15.86 -6.84
CA SER B 177 25.20 -15.52 -6.57
C SER B 177 25.74 -16.32 -5.40
N ALA B 178 24.90 -17.21 -4.85
CA ALA B 178 25.30 -18.03 -3.71
C ALA B 178 24.69 -19.42 -3.82
N LEU B 179 24.36 -19.82 -5.05
CA LEU B 179 23.79 -21.13 -5.29
C LEU B 179 24.90 -22.15 -5.02
N GLU B 180 26.07 -21.85 -5.55
CA GLU B 180 27.25 -22.70 -5.41
C GLU B 180 27.74 -22.71 -3.96
N LYS B 181 27.64 -21.55 -3.30
CA LYS B 181 28.07 -21.42 -1.91
C LYS B 181 27.20 -22.28 -1.01
N LEU B 182 25.99 -22.59 -1.47
CA LEU B 182 25.04 -23.39 -0.70
C LEU B 182 25.56 -24.79 -0.43
N SER B 183 25.37 -25.26 0.79
CA SER B 183 25.83 -26.58 1.19
C SER B 183 24.75 -27.34 1.93
N VAL B 184 23.94 -28.10 1.18
CA VAL B 184 22.86 -28.87 1.78
C VAL B 184 23.38 -30.08 2.54
N PRO B 185 22.93 -30.27 3.79
CA PRO B 185 23.37 -31.42 4.59
C PRO B 185 23.12 -32.75 3.88
N LYS B 186 24.22 -33.41 3.52
CA LYS B 186 24.19 -34.68 2.81
C LYS B 186 23.31 -35.79 3.38
N TRP B 187 22.79 -35.63 4.58
CA TRP B 187 21.93 -36.67 5.15
C TRP B 187 20.44 -36.36 5.01
N GLU B 188 20.12 -35.20 4.44
CA GLU B 188 18.74 -34.76 4.21
C GLU B 188 18.33 -35.15 2.79
N LYS B 189 17.32 -35.99 2.66
CA LYS B 189 16.89 -36.45 1.34
C LYS B 189 15.41 -36.23 1.01
N ASN B 190 14.82 -35.18 1.55
CA ASN B 190 13.42 -34.86 1.28
C ASN B 190 13.26 -33.36 1.35
N SER B 191 13.97 -32.65 0.48
CA SER B 191 13.90 -31.20 0.46
C SER B 191 14.15 -30.59 -0.91
N ILE B 192 13.43 -29.52 -1.21
CA ILE B 192 13.54 -28.82 -2.49
C ILE B 192 14.31 -27.52 -2.32
N VAL B 193 15.19 -27.22 -3.27
CA VAL B 193 15.99 -26.01 -3.25
C VAL B 193 15.23 -24.92 -4.01
N THR B 194 15.08 -23.76 -3.38
CA THR B 194 14.36 -22.67 -4.04
C THR B 194 15.27 -21.51 -4.40
N ILE B 195 14.95 -20.86 -5.52
CA ILE B 195 15.73 -19.73 -6.02
C ILE B 195 14.80 -18.58 -6.33
N HIS B 196 15.24 -17.38 -6.00
CA HIS B 196 14.43 -16.21 -6.31
C HIS B 196 15.05 -15.60 -7.54
N TYR B 197 14.35 -15.74 -8.67
CA TYR B 197 14.88 -15.18 -9.89
C TYR B 197 14.18 -13.88 -10.24
N TYR B 198 14.90 -12.78 -10.02
CA TYR B 198 14.39 -11.45 -10.31
C TYR B 198 15.33 -10.75 -11.26
N ASN B 199 16.23 -11.51 -11.87
CA ASN B 199 17.21 -10.99 -12.82
C ASN B 199 16.62 -10.74 -14.20
N PRO B 200 16.98 -9.59 -14.82
CA PRO B 200 17.90 -8.59 -14.28
C PRO B 200 17.23 -7.64 -13.28
N PHE B 201 17.88 -7.44 -12.12
CA PHE B 201 17.35 -6.60 -11.05
C PHE B 201 16.99 -5.21 -11.52
N GLU B 202 17.73 -4.72 -12.51
CA GLU B 202 17.51 -3.41 -13.08
C GLU B 202 16.09 -3.30 -13.59
N PHE B 203 15.63 -4.30 -14.33
CA PHE B 203 14.26 -4.26 -14.84
C PHE B 203 13.22 -4.54 -13.76
N THR B 204 13.24 -5.74 -13.19
CA THR B 204 12.27 -6.16 -12.16
C THR B 204 11.99 -5.21 -10.99
N HIS B 205 13.04 -4.60 -10.46
CA HIS B 205 12.89 -3.71 -9.33
C HIS B 205 13.13 -2.26 -9.64
N GLN B 206 12.85 -1.86 -10.87
CA GLN B 206 13.08 -0.46 -11.25
C GLN B 206 12.18 0.49 -10.46
N GLY B 207 12.82 1.37 -9.68
CA GLY B 207 12.09 2.33 -8.89
C GLY B 207 11.57 1.77 -7.58
N ALA B 208 11.92 0.54 -7.26
CA ALA B 208 11.46 -0.05 -6.02
C ALA B 208 12.00 0.77 -4.86
N GLU B 209 11.13 1.06 -3.90
CA GLU B 209 11.51 1.85 -2.73
C GLU B 209 12.50 1.14 -1.82
N TRP B 210 12.54 -0.19 -1.90
CA TRP B 210 13.42 -0.94 -1.03
C TRP B 210 14.76 -1.36 -1.62
N VAL B 211 15.12 -0.82 -2.79
CA VAL B 211 16.38 -1.16 -3.45
C VAL B 211 17.26 0.07 -3.64
N GLU B 212 18.51 -0.04 -3.19
CA GLU B 212 19.49 1.05 -3.30
C GLU B 212 19.54 1.64 -4.71
N GLY B 213 19.59 2.97 -4.79
CA GLY B 213 19.64 3.68 -6.06
C GLY B 213 18.90 3.04 -7.23
N SER B 214 17.74 2.44 -6.96
CA SER B 214 16.96 1.80 -8.02
C SER B 214 16.15 2.71 -8.93
N GLU B 215 16.08 3.99 -8.60
CA GLU B 215 15.32 4.93 -9.44
C GLU B 215 15.99 5.07 -10.82
N LYS B 216 17.30 4.83 -10.86
CA LYS B 216 18.04 4.92 -12.12
C LYS B 216 17.65 3.72 -12.97
N PHE B 237 23.28 -23.23 -16.01
CA PHE B 237 24.15 -23.12 -14.85
C PHE B 237 23.39 -23.45 -13.58
N ILE B 238 22.11 -23.08 -13.59
CA ILE B 238 21.23 -23.31 -12.47
C ILE B 238 20.87 -24.79 -12.44
N GLU B 239 20.42 -25.30 -13.58
CA GLU B 239 20.04 -26.70 -13.71
C GLU B 239 21.27 -27.59 -13.56
N GLU B 240 22.40 -27.13 -14.09
CA GLU B 240 23.64 -27.91 -14.02
C GLU B 240 24.05 -28.19 -12.59
N TRP B 241 23.48 -27.44 -11.65
CA TRP B 241 23.78 -27.62 -10.23
C TRP B 241 22.76 -28.58 -9.65
N SER B 242 21.51 -28.41 -10.08
CA SER B 242 20.41 -29.25 -9.63
C SER B 242 20.80 -30.73 -9.69
N LYS B 243 21.11 -31.20 -10.90
CA LYS B 243 21.49 -32.59 -11.13
C LYS B 243 22.90 -32.87 -10.60
N LYS B 244 23.77 -31.87 -10.70
CA LYS B 244 25.15 -31.98 -10.20
C LYS B 244 25.06 -32.25 -8.71
N ASN B 245 23.86 -32.11 -8.15
CA ASN B 245 23.62 -32.35 -6.73
C ASN B 245 22.28 -33.07 -6.49
N LYS B 246 21.59 -33.40 -7.58
CA LYS B 246 20.32 -34.10 -7.53
C LYS B 246 19.34 -33.66 -6.46
N ARG B 247 18.78 -32.48 -6.67
CA ARG B 247 17.81 -31.87 -5.76
C ARG B 247 16.82 -31.14 -6.69
N PRO B 248 15.51 -31.31 -6.47
CA PRO B 248 14.56 -30.60 -7.35
C PRO B 248 14.67 -29.08 -7.20
N ILE B 249 13.92 -28.34 -7.99
CA ILE B 249 14.00 -26.90 -7.90
C ILE B 249 12.64 -26.22 -7.84
N TYR B 250 12.62 -25.12 -7.07
CA TYR B 250 11.43 -24.32 -6.85
C TYR B 250 11.86 -22.87 -6.93
N ILE B 251 11.12 -22.06 -7.69
CA ILE B 251 11.46 -20.65 -7.76
C ILE B 251 10.26 -20.03 -7.06
N GLY B 252 10.36 -20.02 -5.74
CA GLY B 252 9.30 -19.53 -4.90
C GLY B 252 8.97 -18.09 -5.12
N GLU B 253 9.79 -17.37 -5.88
CA GLU B 253 9.55 -15.95 -6.13
C GLU B 253 10.18 -15.42 -7.41
N PHE B 254 9.35 -14.71 -8.19
CA PHE B 254 9.77 -14.11 -9.45
C PHE B 254 8.67 -13.17 -9.94
N GLY B 255 9.07 -12.04 -10.51
CA GLY B 255 8.10 -11.08 -11.02
C GLY B 255 8.72 -9.73 -11.31
N ALA B 256 7.91 -8.85 -11.89
CA ALA B 256 8.35 -7.49 -12.23
C ALA B 256 7.41 -6.50 -11.54
N TYR B 257 8.00 -5.48 -10.92
CA TYR B 257 7.28 -4.44 -10.20
C TYR B 257 6.38 -3.65 -11.17
N ARG B 258 5.15 -3.37 -10.77
CA ARG B 258 4.21 -2.65 -11.62
C ARG B 258 4.72 -1.32 -12.16
N LYS B 259 5.84 -0.83 -11.63
CA LYS B 259 6.40 0.43 -12.10
C LYS B 259 7.10 0.28 -13.44
N ALA B 260 7.11 -0.92 -13.99
CA ALA B 260 7.76 -1.14 -15.29
C ALA B 260 6.69 -1.15 -16.37
N ASP B 261 7.12 -1.13 -17.63
CA ASP B 261 6.18 -1.15 -18.75
C ASP B 261 5.56 -2.53 -18.80
N LEU B 262 4.23 -2.57 -18.93
CA LEU B 262 3.50 -3.83 -18.96
C LEU B 262 3.95 -4.77 -20.08
N GLU B 263 4.63 -4.21 -21.08
CA GLU B 263 5.09 -4.97 -22.22
C GLU B 263 6.29 -5.90 -21.96
N SER B 264 7.32 -5.36 -21.31
CA SER B 264 8.50 -6.17 -20.98
C SER B 264 8.16 -7.08 -19.82
N ARG B 265 7.22 -6.67 -18.97
CA ARG B 265 6.80 -7.46 -17.83
C ARG B 265 6.31 -8.83 -18.33
N ILE B 266 5.39 -8.80 -19.29
CA ILE B 266 4.85 -10.02 -19.88
C ILE B 266 5.91 -10.81 -20.63
N LYS B 267 6.74 -10.10 -21.39
CA LYS B 267 7.79 -10.78 -22.15
C LYS B 267 8.78 -11.46 -21.22
N TRP B 268 9.09 -10.80 -20.12
CA TRP B 268 10.00 -11.36 -19.13
C TRP B 268 9.30 -12.54 -18.44
N THR B 269 8.12 -12.27 -17.90
CA THR B 269 7.31 -13.27 -17.22
C THR B 269 7.18 -14.56 -18.03
N SER B 270 6.66 -14.43 -19.24
CA SER B 270 6.48 -15.57 -20.13
C SER B 270 7.77 -16.34 -20.28
N PHE B 271 8.84 -15.63 -20.65
CA PHE B 271 10.16 -16.22 -20.83
C PHE B 271 10.69 -17.06 -19.68
N VAL B 272 10.71 -16.49 -18.47
CA VAL B 272 11.20 -17.20 -17.29
C VAL B 272 10.42 -18.51 -17.06
N VAL B 273 9.11 -18.46 -17.22
CA VAL B 273 8.25 -19.63 -17.04
C VAL B 273 8.58 -20.77 -18.01
N ARG B 274 8.89 -20.41 -19.26
CA ARG B 274 9.22 -21.36 -20.31
C ARG B 274 10.50 -22.13 -19.98
N GLU B 275 11.45 -21.45 -19.36
CA GLU B 275 12.70 -22.08 -18.97
C GLU B 275 12.37 -22.97 -17.79
N MET B 276 11.46 -22.49 -16.94
CA MET B 276 11.03 -23.25 -15.77
C MET B 276 10.35 -24.53 -16.23
N GLU B 277 9.28 -24.39 -17.01
CA GLU B 277 8.53 -25.53 -17.54
C GLU B 277 9.49 -26.51 -18.20
N LYS B 278 10.41 -25.96 -18.99
CA LYS B 278 11.41 -26.75 -19.70
C LYS B 278 12.08 -27.76 -18.79
N ARG B 279 12.43 -27.32 -17.59
CA ARG B 279 13.10 -28.21 -16.65
C ARG B 279 12.22 -28.82 -15.56
N ARG B 280 10.90 -28.74 -15.75
CA ARG B 280 9.95 -29.30 -14.80
C ARG B 280 9.97 -28.63 -13.42
N TRP B 281 10.71 -27.54 -13.29
CA TRP B 281 10.81 -26.82 -12.03
C TRP B 281 9.47 -26.30 -11.55
N SER B 282 9.36 -26.09 -10.24
CA SER B 282 8.13 -25.57 -9.63
C SER B 282 8.33 -24.07 -9.57
N TRP B 283 7.29 -23.32 -9.25
CA TRP B 283 7.45 -21.88 -9.16
C TRP B 283 6.26 -21.19 -8.53
N ALA B 284 6.47 -19.94 -8.13
CA ALA B 284 5.40 -19.13 -7.56
C ALA B 284 5.67 -17.68 -7.97
N TYR B 285 4.75 -17.09 -8.73
CA TYR B 285 4.93 -15.71 -9.16
C TYR B 285 4.83 -14.80 -7.95
N TRP B 286 5.73 -13.83 -7.87
CA TRP B 286 5.74 -12.93 -6.72
C TRP B 286 4.63 -11.89 -6.69
N GLU B 287 3.96 -11.91 -5.55
CA GLU B 287 2.88 -11.02 -5.27
C GLU B 287 1.71 -11.27 -6.20
N PHE B 288 0.55 -11.43 -5.59
CA PHE B 288 -0.72 -11.71 -6.23
C PHE B 288 -1.58 -10.48 -6.48
N CYS B 289 -1.58 -9.56 -5.52
CA CYS B 289 -2.41 -8.36 -5.62
C CYS B 289 -1.81 -7.03 -5.10
N SER B 290 -0.54 -6.73 -5.39
CA SER B 290 0.06 -5.47 -4.90
C SER B 290 1.04 -4.82 -5.89
N GLY B 291 2.23 -4.48 -5.39
CA GLY B 291 3.21 -3.85 -6.24
C GLY B 291 3.54 -4.69 -7.45
N PHE B 292 3.46 -6.01 -7.29
CA PHE B 292 3.73 -6.93 -8.41
C PHE B 292 2.43 -7.63 -8.79
N GLY B 293 1.32 -7.15 -8.23
CA GLY B 293 0.01 -7.71 -8.48
C GLY B 293 -0.27 -8.05 -9.94
N VAL B 294 -1.07 -9.10 -10.11
CA VAL B 294 -1.47 -9.58 -11.43
C VAL B 294 -2.98 -9.76 -11.41
N TYR B 295 -3.58 -9.46 -10.25
CA TYR B 295 -5.02 -9.56 -10.07
C TYR B 295 -5.49 -8.39 -9.21
N ASP B 296 -6.49 -7.65 -9.71
CA ASP B 296 -7.03 -6.52 -8.98
C ASP B 296 -8.00 -6.96 -7.90
N THR B 297 -7.74 -6.53 -6.68
CA THR B 297 -8.56 -6.88 -5.54
C THR B 297 -9.91 -6.14 -5.57
N LEU B 298 -9.86 -4.85 -5.92
CA LEU B 298 -11.06 -4.02 -5.99
C LEU B 298 -11.85 -4.22 -7.30
N ARG B 299 -11.12 -4.47 -8.40
CA ARG B 299 -11.76 -4.69 -9.70
C ARG B 299 -12.18 -6.15 -9.88
N LYS B 300 -11.67 -7.02 -9.02
CA LYS B 300 -11.97 -8.44 -9.12
C LYS B 300 -11.71 -8.92 -10.54
N THR B 301 -10.49 -8.71 -11.02
CA THR B 301 -10.11 -9.13 -12.36
C THR B 301 -8.60 -9.37 -12.49
N TRP B 302 -8.23 -10.39 -13.25
CA TRP B 302 -6.83 -10.69 -13.46
C TRP B 302 -6.36 -9.92 -14.68
N ASN B 303 -5.05 -9.90 -14.89
CA ASN B 303 -4.52 -9.30 -16.09
C ASN B 303 -4.48 -10.57 -16.91
N LYS B 304 -5.46 -10.74 -17.79
CA LYS B 304 -5.58 -11.93 -18.61
C LYS B 304 -4.33 -12.27 -19.41
N ASP B 305 -3.57 -11.25 -19.79
CA ASP B 305 -2.36 -11.48 -20.57
C ASP B 305 -1.15 -11.89 -19.74
N LEU B 306 -1.03 -11.34 -18.52
CA LEU B 306 0.06 -11.70 -17.63
C LEU B 306 -0.21 -13.11 -17.10
N LEU B 307 -1.46 -13.33 -16.68
CA LEU B 307 -1.86 -14.63 -16.17
C LEU B 307 -1.59 -15.64 -17.28
N GLU B 308 -1.62 -15.14 -18.50
CA GLU B 308 -1.38 -15.95 -19.70
C GLU B 308 0.09 -16.36 -19.70
N ALA B 309 0.96 -15.39 -19.49
CA ALA B 309 2.40 -15.63 -19.46
C ALA B 309 2.77 -16.59 -18.35
N LEU B 310 1.96 -16.62 -17.29
CA LEU B 310 2.21 -17.50 -16.14
C LEU B 310 1.86 -18.96 -16.39
N ILE B 311 0.57 -19.24 -16.63
CA ILE B 311 0.12 -20.60 -16.88
C ILE B 311 -0.08 -20.88 -18.38
N GLY B 312 -0.09 -22.16 -18.75
CA GLY B 312 -0.28 -22.53 -20.14
C GLY B 312 1.02 -22.69 -20.92
C2 BGC C . 11.86 -10.71 -0.79
C3 BGC C . 10.49 -10.06 -0.84
C4 BGC C . 10.59 -8.81 -1.69
C5 BGC C . 11.04 -9.21 -3.08
C6 BGC C . 11.17 -7.98 -3.97
C1 BGC C . 12.29 -11.04 -2.22
O1 BGC C . 13.59 -11.64 -2.20
O2 BGC C . 11.79 -11.92 -0.04
O3 BGC C . 10.07 -9.72 0.49
O4 BGC C . 9.30 -8.16 -1.75
O5 BGC C . 12.34 -9.83 -2.99
O6 BGC C . 12.22 -7.14 -3.47
C2 BGC C . 8.01 -6.22 -1.06
C3 BGC C . 8.15 -4.83 -0.47
C4 BGC C . 8.87 -4.93 0.86
C5 BGC C . 10.24 -5.57 0.62
C6 BGC C . 11.00 -5.69 1.94
C1 BGC C . 9.39 -6.83 -1.21
O2 BGC C . 7.36 -6.17 -2.33
O3 BGC C . 6.86 -4.24 -0.28
O4 BGC C . 9.02 -3.62 1.43
O5 BGC C . 10.05 -6.88 0.07
O6 BGC C . 11.25 -4.39 2.49
C2 BGC D . -10.15 10.17 0.62
C3 BGC D . -10.67 9.97 -0.79
C4 BGC D . -11.48 8.67 -0.84
C5 BGC D . -12.58 8.73 0.19
C6 BGC D . -13.33 7.41 0.22
C1 BGC D . -11.33 10.20 1.57
O1 BGC D . -10.87 10.41 2.91
O2 BGC D . -9.43 11.42 0.69
O3 BGC D . -9.58 9.88 -1.72
O4 BGC D . -12.03 8.49 -2.15
O5 BGC D . -12.03 8.95 1.50
O6 BGC D . -12.47 6.37 0.68
#